data_6XXC
#
_entry.id   6XXC
#
_cell.length_a   82.316
_cell.length_b   112.063
_cell.length_c   62.662
_cell.angle_alpha   90.000
_cell.angle_beta   90.000
_cell.angle_gamma   90.000
#
_symmetry.space_group_name_H-M   'C 2 2 21'
#
loop_
_entity.id
_entity.type
_entity.pdbx_description
1 polymer '14-3-3 protein sigma'
2 polymer 'Estrogen Related Receptor gamma phosphopeptide'
3 non-polymer 'MAGNESIUM ION'
4 non-polymer 'CHLORIDE ION'
5 non-polymer ~{N}-methyl-~{N}-(2-sulfanylethyl)benzamide
6 water water
#
loop_
_entity_poly.entity_id
_entity_poly.type
_entity_poly.pdbx_seq_one_letter_code
_entity_poly.pdbx_strand_id
1 'polypeptide(L)'
;GAMGSMERASLIQKAKLAEQAERYEDMAAFMKGAVEKGEELSNEERNLLSVAYKNVVGGQRAAWRVLSSIEQKSNEEGSE
EKGPEVREYREKVETELQGVCDTVLGLLDSHLIKEAGDAESRVFYLKMKGDYYRYLAEVATGDDKKRIIDSARSAYQEAM
DISKKEMPPTNPIRLGLALNFSVFHYEIANSPEEAISLAKTTFDEAMADLHTLSEDSYKDSTLIMQLLRDNLTLWT
;
A
2 'polypeptide(L)' KRRRK(SEP)CQA B
#
# COMPACT_ATOMS: atom_id res chain seq x y z
N ALA A 2 5.07 -8.06 -22.65
CA ALA A 2 4.35 -9.28 -23.12
C ALA A 2 2.90 -8.95 -23.49
N MET A 3 2.38 -7.83 -22.95
CA MET A 3 1.02 -7.41 -23.22
C MET A 3 0.94 -6.35 -24.33
N GLY A 4 2.05 -6.08 -25.01
CA GLY A 4 2.07 -5.01 -25.98
C GLY A 4 1.13 -5.21 -27.15
N SER A 5 0.82 -6.46 -27.48
CA SER A 5 -0.06 -6.72 -28.61
C SER A 5 -1.52 -6.78 -28.24
N MET A 6 -1.88 -6.67 -26.96
CA MET A 6 -3.28 -6.73 -26.57
C MET A 6 -3.85 -5.33 -26.40
N GLU A 7 -5.09 -5.14 -26.88
CA GLU A 7 -5.78 -3.86 -26.74
C GLU A 7 -5.89 -3.47 -25.27
N ARG A 8 -5.79 -2.16 -25.02
CA ARG A 8 -5.98 -1.64 -23.67
C ARG A 8 -7.31 -2.10 -23.08
N ALA A 9 -8.40 -1.98 -23.84
CA ALA A 9 -9.70 -2.33 -23.29
C ALA A 9 -9.76 -3.82 -22.94
N SER A 10 -9.11 -4.66 -23.76
CA SER A 10 -9.09 -6.10 -23.48
C SER A 10 -8.28 -6.41 -22.23
N LEU A 11 -7.18 -5.70 -22.02
CA LEU A 11 -6.42 -5.87 -20.80
C LEU A 11 -7.25 -5.52 -19.57
N ILE A 12 -8.00 -4.43 -19.63
CA ILE A 12 -8.85 -4.04 -18.51
C ILE A 12 -9.94 -5.08 -18.29
N GLN A 13 -10.56 -5.55 -19.38
CA GLN A 13 -11.59 -6.58 -19.27
C GLN A 13 -11.02 -7.85 -18.63
N LYS A 14 -9.84 -8.26 -19.06
CA LYS A 14 -9.23 -9.46 -18.50
C LYS A 14 -8.76 -9.26 -17.07
N ALA A 15 -8.33 -8.05 -16.71
CA ALA A 15 -8.03 -7.80 -15.32
C ALA A 15 -9.25 -8.04 -14.44
N LYS A 16 -10.43 -7.64 -14.91
CA LYS A 16 -11.65 -7.83 -14.13
C LYS A 16 -12.01 -9.29 -14.05
N LEU A 17 -11.83 -10.03 -15.14
CA LEU A 17 -12.04 -11.48 -15.12
C LEU A 17 -11.06 -12.16 -14.15
N ALA A 18 -9.80 -11.76 -14.20
CA ALA A 18 -8.82 -12.32 -13.30
C ALA A 18 -9.19 -12.06 -11.85
N GLU A 19 -9.68 -10.87 -11.55
CA GLU A 19 -10.14 -10.58 -10.20
C GLU A 19 -11.25 -11.57 -9.79
N GLN A 20 -12.24 -11.77 -10.66
CA GLN A 20 -13.34 -12.68 -10.34
C GLN A 20 -12.83 -14.09 -10.10
N ALA A 21 -11.79 -14.51 -10.81
CA ALA A 21 -11.20 -15.83 -10.68
C ALA A 21 -10.13 -15.90 -9.60
N GLU A 22 -9.88 -14.81 -8.88
CA GLU A 22 -8.86 -14.76 -7.83
C GLU A 22 -7.48 -15.12 -8.38
N ARG A 23 -7.20 -14.68 -9.61
CA ARG A 23 -5.92 -14.87 -10.28
C ARG A 23 -5.20 -13.52 -10.26
N TYR A 24 -4.63 -13.18 -9.10
CA TYR A 24 -4.13 -11.84 -8.90
C TYR A 24 -2.83 -11.58 -9.61
N GLU A 25 -1.99 -12.60 -9.79
N GLU A 25 -1.99 -12.60 -9.79
CA GLU A 25 -0.78 -12.41 -10.60
CA GLU A 25 -0.78 -12.40 -10.60
C GLU A 25 -1.16 -12.06 -12.02
C GLU A 25 -1.17 -12.05 -12.03
N ASP A 26 -2.14 -12.76 -12.60
CA ASP A 26 -2.60 -12.42 -13.93
C ASP A 26 -3.19 -11.01 -13.94
N MET A 27 -4.00 -10.70 -12.93
CA MET A 27 -4.62 -9.38 -12.84
C MET A 27 -3.56 -8.29 -12.87
N ALA A 28 -2.49 -8.46 -12.10
CA ALA A 28 -1.43 -7.48 -12.08
C ALA A 28 -0.72 -7.37 -13.41
N ALA A 29 -0.45 -8.50 -14.07
CA ALA A 29 0.18 -8.45 -15.37
C ALA A 29 -0.69 -7.72 -16.39
N PHE A 30 -2.01 -7.95 -16.35
CA PHE A 30 -2.89 -7.24 -17.27
C PHE A 30 -2.88 -5.76 -17.00
N MET A 31 -2.93 -5.37 -15.71
CA MET A 31 -2.94 -3.95 -15.38
C MET A 31 -1.60 -3.28 -15.67
N LYS A 32 -0.49 -3.98 -15.47
CA LYS A 32 0.81 -3.44 -15.91
C LYS A 32 0.77 -3.17 -17.40
N GLY A 33 0.28 -4.13 -18.18
CA GLY A 33 0.14 -3.92 -19.60
C GLY A 33 -0.71 -2.70 -19.92
N ALA A 34 -1.82 -2.53 -19.20
CA ALA A 34 -2.68 -1.39 -19.44
C ALA A 34 -1.95 -0.08 -19.13
N VAL A 35 -1.25 -0.02 -18.00
CA VAL A 35 -0.48 1.19 -17.68
C VAL A 35 0.52 1.49 -18.79
N GLU A 36 1.20 0.46 -19.28
CA GLU A 36 2.25 0.67 -20.28
C GLU A 36 1.71 1.13 -21.62
N LYS A 37 0.39 1.16 -21.82
CA LYS A 37 -0.16 1.78 -23.02
C LYS A 37 0.08 3.27 -23.04
N GLY A 38 0.37 3.87 -21.89
CA GLY A 38 0.75 5.26 -21.82
C GLY A 38 -0.36 6.24 -21.53
N GLU A 39 -1.60 5.80 -21.52
CA GLU A 39 -2.72 6.67 -21.19
C GLU A 39 -2.92 6.73 -19.68
N GLU A 40 -3.48 7.83 -19.19
CA GLU A 40 -3.89 7.94 -17.80
C GLU A 40 -4.92 6.87 -17.46
N LEU A 41 -5.01 6.55 -16.18
N LEU A 41 -5.03 6.57 -16.17
CA LEU A 41 -5.98 5.58 -15.67
CA LEU A 41 -5.98 5.58 -15.69
C LEU A 41 -7.18 6.32 -15.10
C LEU A 41 -7.17 6.28 -15.04
N SER A 42 -8.36 5.75 -15.30
CA SER A 42 -9.56 6.23 -14.65
C SER A 42 -9.58 5.79 -13.18
N ASN A 43 -10.57 6.29 -12.43
CA ASN A 43 -10.69 5.89 -11.02
C ASN A 43 -10.83 4.37 -10.90
N GLU A 44 -11.68 3.78 -11.73
CA GLU A 44 -11.89 2.34 -11.64
C GLU A 44 -10.60 1.61 -11.97
N GLU A 45 -9.89 2.08 -13.00
CA GLU A 45 -8.66 1.42 -13.42
C GLU A 45 -7.57 1.54 -12.36
N ARG A 46 -7.46 2.69 -11.69
CA ARG A 46 -6.51 2.82 -10.59
C ARG A 46 -6.82 1.81 -9.50
N ASN A 47 -8.10 1.63 -9.20
CA ASN A 47 -8.47 0.66 -8.17
C ASN A 47 -8.09 -0.75 -8.59
N LEU A 48 -8.27 -1.09 -9.87
CA LEU A 48 -7.88 -2.42 -10.33
C LEU A 48 -6.38 -2.63 -10.18
N LEU A 49 -5.59 -1.62 -10.54
CA LEU A 49 -4.14 -1.71 -10.39
C LEU A 49 -3.77 -1.97 -8.94
N SER A 50 -4.38 -1.20 -8.04
CA SER A 50 -4.07 -1.31 -6.62
C SER A 50 -4.48 -2.67 -6.07
N VAL A 51 -5.69 -3.12 -6.40
CA VAL A 51 -6.15 -4.42 -5.89
C VAL A 51 -5.21 -5.52 -6.34
N ALA A 52 -4.81 -5.49 -7.61
CA ALA A 52 -4.00 -6.57 -8.16
C ALA A 52 -2.67 -6.67 -7.41
N TYR A 53 -1.94 -5.57 -7.34
CA TYR A 53 -0.61 -5.61 -6.74
C TYR A 53 -0.69 -5.76 -5.24
N LYS A 54 -1.71 -5.22 -4.58
CA LYS A 54 -1.82 -5.42 -3.13
C LYS A 54 -2.00 -6.89 -2.80
N ASN A 55 -2.77 -7.61 -3.61
CA ASN A 55 -2.95 -9.03 -3.38
C ASN A 55 -1.68 -9.81 -3.67
N VAL A 56 -0.98 -9.50 -4.75
CA VAL A 56 0.28 -10.21 -5.04
C VAL A 56 1.28 -9.98 -3.93
N VAL A 57 1.56 -8.71 -3.60
N VAL A 57 1.52 -8.71 -3.59
CA VAL A 57 2.58 -8.45 -2.59
CA VAL A 57 2.51 -8.33 -2.61
C VAL A 57 2.10 -8.93 -1.22
C VAL A 57 2.10 -8.78 -1.22
N GLY A 58 0.80 -8.84 -0.95
CA GLY A 58 0.31 -9.33 0.33
C GLY A 58 0.62 -10.79 0.57
N GLY A 59 0.47 -11.62 -0.46
CA GLY A 59 0.85 -13.01 -0.33
C GLY A 59 2.34 -13.15 -0.09
N GLN A 60 3.14 -12.37 -0.79
CA GLN A 60 4.58 -12.45 -0.60
C GLN A 60 4.98 -12.01 0.80
N ARG A 61 4.37 -10.93 1.30
CA ARG A 61 4.69 -10.45 2.63
C ARG A 61 4.32 -11.49 3.68
N ALA A 62 3.15 -12.09 3.55
CA ALA A 62 2.76 -13.10 4.52
C ALA A 62 3.73 -14.26 4.51
N ALA A 63 4.17 -14.69 3.32
CA ALA A 63 5.13 -15.79 3.24
C ALA A 63 6.46 -15.41 3.83
N TRP A 64 6.94 -14.19 3.53
CA TRP A 64 8.18 -13.69 4.09
C TRP A 64 8.15 -13.70 5.61
N ARG A 65 7.01 -13.30 6.20
CA ARG A 65 6.94 -13.26 7.66
C ARG A 65 6.99 -14.67 8.24
N VAL A 66 6.31 -15.62 7.59
CA VAL A 66 6.39 -17.01 8.06
C VAL A 66 7.84 -17.48 8.04
N LEU A 67 8.53 -17.25 6.93
CA LEU A 67 9.89 -17.74 6.77
C LEU A 67 10.84 -17.01 7.69
N SER A 68 10.66 -15.69 7.84
N SER A 68 10.66 -15.70 7.87
CA SER A 68 11.51 -14.93 8.74
CA SER A 68 11.53 -14.95 8.76
C SER A 68 11.38 -15.43 10.18
C SER A 68 11.39 -15.44 10.19
N SER A 69 10.19 -15.79 10.60
CA SER A 69 10.00 -16.29 11.95
C SER A 69 10.71 -17.63 12.13
N ILE A 70 10.61 -18.51 11.13
CA ILE A 70 11.33 -19.79 11.20
C ILE A 70 12.83 -19.54 11.28
N GLU A 71 13.33 -18.63 10.46
CA GLU A 71 14.75 -18.31 10.46
C GLU A 71 15.17 -17.75 11.82
N GLN A 72 14.36 -16.88 12.40
CA GLN A 72 14.64 -16.35 13.73
C GLN A 72 14.79 -17.50 14.73
N LYS A 73 13.78 -18.37 14.81
CA LYS A 73 13.85 -19.50 15.73
C LYS A 73 15.07 -20.37 15.45
N SER A 74 15.46 -20.49 14.19
CA SER A 74 16.62 -21.30 13.83
C SER A 74 17.91 -20.72 14.41
N ASN A 75 17.93 -19.43 14.73
CA ASN A 75 19.13 -18.76 15.20
C ASN A 75 19.09 -18.43 16.69
N GLU A 76 18.17 -19.08 17.43
CA GLU A 76 18.16 -18.94 18.87
C GLU A 76 19.19 -19.89 19.50
N GLU A 77 19.52 -19.63 20.76
CA GLU A 77 20.39 -20.54 21.49
C GLU A 77 19.69 -21.88 21.68
N GLY A 78 20.45 -22.97 21.50
CA GLY A 78 19.93 -24.31 21.67
C GLY A 78 19.27 -24.91 20.45
N SER A 79 19.08 -24.14 19.40
CA SER A 79 18.51 -24.68 18.17
C SER A 79 19.58 -25.43 17.38
N GLU A 80 19.14 -26.39 16.57
CA GLU A 80 20.06 -27.23 15.82
C GLU A 80 20.31 -26.64 14.45
N GLU A 81 21.60 -26.64 14.05
CA GLU A 81 21.97 -26.19 12.72
C GLU A 81 21.25 -27.03 11.67
N LYS A 82 20.44 -26.38 10.85
CA LYS A 82 19.70 -27.05 9.79
C LYS A 82 20.23 -26.68 8.41
N GLY A 83 21.30 -25.90 8.34
CA GLY A 83 21.91 -25.55 7.08
C GLY A 83 21.42 -24.20 6.55
N PRO A 84 21.80 -23.89 5.32
CA PRO A 84 21.48 -22.57 4.74
C PRO A 84 20.09 -22.48 4.15
N GLU A 85 19.28 -23.54 4.19
CA GLU A 85 18.09 -23.60 3.36
C GLU A 85 17.04 -22.57 3.78
N VAL A 86 16.83 -22.38 5.07
CA VAL A 86 15.79 -21.44 5.51
C VAL A 86 16.14 -20.04 5.05
N ARG A 87 17.39 -19.62 5.28
CA ARG A 87 17.85 -18.32 4.82
C ARG A 87 17.73 -18.21 3.30
N GLU A 88 18.16 -19.24 2.57
CA GLU A 88 18.09 -19.17 1.12
C GLU A 88 16.67 -18.95 0.63
N TYR A 89 15.73 -19.70 1.21
CA TYR A 89 14.35 -19.62 0.74
C TYR A 89 13.70 -18.31 1.16
N ARG A 90 13.98 -17.85 2.38
CA ARG A 90 13.54 -16.50 2.76
C ARG A 90 14.09 -15.47 1.79
N GLU A 91 15.36 -15.58 1.43
N GLU A 91 15.36 -15.58 1.42
CA GLU A 91 15.96 -14.64 0.48
CA GLU A 91 15.94 -14.63 0.48
C GLU A 91 15.29 -14.72 -0.89
C GLU A 91 15.26 -14.71 -0.88
N LYS A 92 14.90 -15.92 -1.32
CA LYS A 92 14.23 -16.06 -2.61
C LYS A 92 12.91 -15.33 -2.60
N VAL A 93 12.11 -15.56 -1.56
CA VAL A 93 10.82 -14.88 -1.45
C VAL A 93 11.04 -13.38 -1.33
N GLU A 94 12.05 -12.97 -0.57
CA GLU A 94 12.33 -11.54 -0.38
C GLU A 94 12.68 -10.88 -1.70
N THR A 95 13.50 -11.55 -2.51
CA THR A 95 13.90 -10.97 -3.78
C THR A 95 12.70 -10.83 -4.72
N GLU A 96 11.82 -11.83 -4.71
N GLU A 96 11.81 -11.83 -4.72
CA GLU A 96 10.61 -11.76 -5.54
CA GLU A 96 10.62 -11.73 -5.56
C GLU A 96 9.71 -10.61 -5.08
C GLU A 96 9.73 -10.59 -5.08
N LEU A 97 9.58 -10.44 -3.76
CA LEU A 97 8.81 -9.34 -3.21
C LEU A 97 9.40 -8.00 -3.62
N GLN A 98 10.71 -7.85 -3.48
CA GLN A 98 11.37 -6.62 -3.89
C GLN A 98 11.14 -6.36 -5.36
N GLY A 99 11.15 -7.40 -6.18
CA GLY A 99 10.91 -7.24 -7.59
C GLY A 99 9.53 -6.69 -7.89
N VAL A 100 8.52 -7.18 -7.21
CA VAL A 100 7.17 -6.65 -7.40
C VAL A 100 7.11 -5.20 -6.94
N CYS A 101 7.70 -4.88 -5.79
CA CYS A 101 7.68 -3.50 -5.36
C CYS A 101 8.38 -2.59 -6.37
N ASP A 102 9.54 -3.03 -6.88
CA ASP A 102 10.24 -2.23 -7.86
C ASP A 102 9.43 -2.05 -9.14
N THR A 103 8.67 -3.08 -9.52
CA THR A 103 7.81 -2.96 -10.70
C THR A 103 6.75 -1.91 -10.49
N VAL A 104 6.07 -1.94 -9.34
CA VAL A 104 5.03 -0.96 -9.07
C VAL A 104 5.63 0.44 -9.03
N LEU A 105 6.74 0.60 -8.30
CA LEU A 105 7.38 1.90 -8.22
C LEU A 105 7.80 2.37 -9.60
N GLY A 106 8.22 1.44 -10.45
CA GLY A 106 8.59 1.82 -11.81
C GLY A 106 7.40 2.31 -12.62
N LEU A 107 6.24 1.69 -12.46
CA LEU A 107 5.05 2.18 -13.16
C LEU A 107 4.68 3.57 -12.66
N LEU A 108 4.77 3.78 -11.35
CA LEU A 108 4.44 5.09 -10.80
C LEU A 108 5.39 6.14 -11.34
N ASP A 109 6.67 5.79 -11.50
CA ASP A 109 7.66 6.74 -11.97
C ASP A 109 7.67 6.89 -13.49
N SER A 110 7.05 5.97 -14.22
CA SER A 110 7.10 5.98 -15.68
C SER A 110 5.74 5.53 -16.23
N HIS A 111 4.76 6.43 -16.23
CA HIS A 111 4.85 7.85 -15.88
C HIS A 111 3.58 8.30 -15.18
N LEU A 112 3.05 7.44 -14.30
CA LEU A 112 1.73 7.71 -13.75
C LEU A 112 1.72 8.97 -12.89
N ILE A 113 2.70 9.12 -12.01
CA ILE A 113 2.66 10.27 -11.10
C ILE A 113 2.82 11.58 -11.87
N LYS A 114 3.75 11.63 -12.82
CA LYS A 114 4.01 12.92 -13.46
C LYS A 114 2.82 13.39 -14.27
N GLU A 115 1.96 12.47 -14.74
N GLU A 115 1.96 12.50 -14.75
CA GLU A 115 0.79 12.82 -15.53
CA GLU A 115 0.80 12.95 -15.51
C GLU A 115 -0.46 13.04 -14.68
C GLU A 115 -0.44 13.15 -14.65
N ALA A 116 -0.38 12.80 -13.37
CA ALA A 116 -1.54 12.88 -12.47
C ALA A 116 -1.65 14.28 -11.89
N GLY A 117 -2.67 15.01 -12.34
CA GLY A 117 -2.89 16.39 -11.92
C GLY A 117 -4.06 16.57 -10.96
N ASP A 118 -5.08 15.74 -11.05
CA ASP A 118 -6.20 15.88 -10.13
C ASP A 118 -5.83 15.28 -8.77
N ALA A 119 -6.39 15.85 -7.70
CA ALA A 119 -6.02 15.37 -6.37
C ALA A 119 -6.33 13.88 -6.21
N GLU A 120 -7.44 13.41 -6.75
CA GLU A 120 -7.82 12.03 -6.53
C GLU A 120 -6.79 11.08 -7.13
N SER A 121 -6.22 11.43 -8.28
CA SER A 121 -5.24 10.55 -8.88
C SER A 121 -3.88 10.74 -8.23
N ARG A 122 -3.48 11.99 -8.01
CA ARG A 122 -2.15 12.24 -7.48
C ARG A 122 -1.98 11.67 -6.09
N VAL A 123 -2.95 11.91 -5.20
CA VAL A 123 -2.89 11.37 -3.86
C VAL A 123 -2.87 9.85 -3.90
N PHE A 124 -3.72 9.26 -4.75
CA PHE A 124 -3.75 7.80 -4.89
C PHE A 124 -2.38 7.26 -5.24
N TYR A 125 -1.71 7.84 -6.23
CA TYR A 125 -0.43 7.30 -6.69
C TYR A 125 0.67 7.56 -5.67
N LEU A 126 0.65 8.72 -5.01
CA LEU A 126 1.67 8.99 -4.00
C LEU A 126 1.48 8.09 -2.77
N LYS A 127 0.24 7.81 -2.40
CA LYS A 127 -0.02 6.81 -1.37
C LYS A 127 0.57 5.46 -1.78
N MET A 128 0.34 5.06 -3.03
N MET A 128 0.33 5.05 -3.03
CA MET A 128 0.88 3.78 -3.49
CA MET A 128 0.87 3.78 -3.50
C MET A 128 2.40 3.79 -3.43
C MET A 128 2.40 3.79 -3.41
N LYS A 129 3.02 4.89 -3.81
CA LYS A 129 4.47 4.98 -3.72
C LYS A 129 4.94 4.82 -2.28
N GLY A 130 4.28 5.47 -1.33
CA GLY A 130 4.63 5.27 0.06
C GLY A 130 4.45 3.83 0.50
N ASP A 131 3.35 3.22 0.09
CA ASP A 131 3.08 1.84 0.45
C ASP A 131 4.18 0.89 -0.03
N TYR A 132 4.58 1.00 -1.31
CA TYR A 132 5.56 0.04 -1.83
C TYR A 132 6.95 0.30 -1.30
N TYR A 133 7.31 1.55 -1.01
CA TYR A 133 8.53 1.77 -0.25
C TYR A 133 8.42 1.22 1.17
N ARG A 134 7.23 1.31 1.77
CA ARG A 134 7.04 0.71 3.09
C ARG A 134 7.26 -0.80 3.04
N TYR A 135 6.73 -1.47 2.01
CA TYR A 135 6.97 -2.91 1.92
C TYR A 135 8.45 -3.22 1.71
N LEU A 136 9.15 -2.40 0.93
CA LEU A 136 10.60 -2.56 0.82
C LEU A 136 11.26 -2.37 2.18
N ALA A 137 10.79 -1.39 2.97
CA ALA A 137 11.38 -1.12 4.28
C ALA A 137 11.18 -2.28 5.24
N GLU A 138 10.06 -3.00 5.11
CA GLU A 138 9.78 -4.11 6.00
C GLU A 138 10.86 -5.18 5.94
N VAL A 139 11.52 -5.34 4.78
CA VAL A 139 12.52 -6.39 4.58
C VAL A 139 13.92 -5.85 4.51
N ALA A 140 14.11 -4.53 4.62
CA ALA A 140 15.41 -3.93 4.45
C ALA A 140 16.24 -4.03 5.72
N THR A 141 17.56 -4.21 5.52
CA THR A 141 18.49 -4.34 6.62
C THR A 141 19.85 -3.66 6.40
N GLY A 142 20.15 -3.05 5.24
CA GLY A 142 21.49 -2.63 4.85
C GLY A 142 21.71 -1.13 4.76
N ASP A 143 22.73 -0.76 3.94
CA ASP A 143 23.19 0.63 3.87
C ASP A 143 22.10 1.63 3.48
N ASP A 144 21.13 1.18 2.67
CA ASP A 144 20.08 2.04 2.15
C ASP A 144 18.75 1.97 2.91
N LYS A 145 18.69 1.27 4.06
CA LYS A 145 17.41 1.12 4.76
C LYS A 145 16.82 2.46 5.20
N LYS A 146 17.66 3.32 5.79
CA LYS A 146 17.18 4.64 6.17
C LYS A 146 16.68 5.40 4.95
N ARG A 147 17.35 5.24 3.80
CA ARG A 147 16.91 5.94 2.62
C ARG A 147 15.58 5.37 2.13
N ILE A 148 15.36 4.06 2.26
CA ILE A 148 14.07 3.49 1.84
C ILE A 148 12.96 4.04 2.73
N ILE A 149 13.19 4.06 4.04
CA ILE A 149 12.21 4.61 4.96
C ILE A 149 11.93 6.07 4.63
N ASP A 150 12.96 6.83 4.31
CA ASP A 150 12.73 8.23 4.01
C ASP A 150 11.95 8.39 2.70
N SER A 151 12.17 7.50 1.73
CA SER A 151 11.40 7.57 0.51
C SER A 151 9.92 7.30 0.76
N ALA A 152 9.61 6.32 1.62
CA ALA A 152 8.22 6.10 1.99
C ALA A 152 7.63 7.33 2.66
N ARG A 153 8.34 7.86 3.66
N ARG A 153 8.35 7.86 3.66
CA ARG A 153 7.87 9.03 4.39
CA ARG A 153 7.90 9.03 4.40
C ARG A 153 7.61 10.19 3.46
C ARG A 153 7.61 10.19 3.46
N SER A 154 8.53 10.45 2.52
CA SER A 154 8.39 11.59 1.65
C SER A 154 7.18 11.48 0.74
N ALA A 155 6.93 10.28 0.20
CA ALA A 155 5.77 10.09 -0.66
C ALA A 155 4.48 10.27 0.13
N TYR A 156 4.42 9.64 1.31
CA TYR A 156 3.24 9.80 2.14
C TYR A 156 3.01 11.26 2.52
N GLN A 157 4.09 11.98 2.82
CA GLN A 157 3.94 13.37 3.25
C GLN A 157 3.42 14.25 2.13
N GLU A 158 3.93 14.06 0.91
CA GLU A 158 3.39 14.82 -0.21
C GLU A 158 1.92 14.50 -0.43
N ALA A 159 1.56 13.22 -0.32
CA ALA A 159 0.16 12.84 -0.48
C ALA A 159 -0.70 13.48 0.61
N MET A 160 -0.19 13.49 1.85
N MET A 160 -0.20 13.48 1.84
CA MET A 160 -0.95 14.09 2.94
CA MET A 160 -0.91 14.08 2.95
C MET A 160 -1.16 15.57 2.70
C MET A 160 -1.14 15.57 2.71
N ASP A 161 -0.10 16.26 2.26
CA ASP A 161 -0.21 17.70 2.07
C ASP A 161 -1.27 18.01 1.03
N ILE A 162 -1.28 17.27 -0.08
CA ILE A 162 -2.29 17.49 -1.13
C ILE A 162 -3.67 17.15 -0.58
N SER A 163 -3.80 16.01 0.10
CA SER A 163 -5.11 15.55 0.54
C SER A 163 -5.74 16.53 1.51
N LYS A 164 -4.94 17.13 2.40
CA LYS A 164 -5.50 18.07 3.35
C LYS A 164 -5.95 19.35 2.67
N LYS A 165 -5.27 19.77 1.60
N LYS A 165 -5.29 19.74 1.58
CA LYS A 165 -5.68 20.98 0.90
CA LYS A 165 -5.63 20.98 0.88
C LYS A 165 -6.88 20.74 0.00
C LYS A 165 -6.78 20.79 -0.11
N GLU A 166 -6.91 19.60 -0.71
CA GLU A 166 -7.83 19.40 -1.81
C GLU A 166 -8.97 18.44 -1.62
N MET A 167 -9.02 17.68 -0.53
N MET A 167 -9.06 17.72 -0.51
CA MET A 167 -10.05 16.69 -0.31
CA MET A 167 -10.08 16.70 -0.34
C MET A 167 -10.75 16.93 1.01
C MET A 167 -10.72 16.81 1.03
N PRO A 168 -12.02 16.57 1.13
CA PRO A 168 -12.70 16.63 2.43
C PRO A 168 -12.14 15.57 3.37
N PRO A 169 -12.30 15.76 4.67
CA PRO A 169 -11.71 14.83 5.63
C PRO A 169 -12.33 13.46 5.60
N THR A 170 -13.47 13.28 4.94
CA THR A 170 -14.10 11.98 4.82
C THR A 170 -13.75 11.26 3.52
N ASN A 171 -12.99 11.89 2.63
CA ASN A 171 -12.69 11.25 1.35
C ASN A 171 -12.00 9.91 1.59
N PRO A 172 -12.49 8.81 1.01
CA PRO A 172 -11.88 7.50 1.30
C PRO A 172 -10.40 7.39 0.97
N ILE A 173 -9.93 8.07 -0.08
CA ILE A 173 -8.51 8.01 -0.40
C ILE A 173 -7.72 8.71 0.69
N ARG A 174 -8.17 9.89 1.10
CA ARG A 174 -7.54 10.60 2.20
C ARG A 174 -7.51 9.74 3.46
N LEU A 175 -8.62 9.08 3.77
CA LEU A 175 -8.67 8.25 4.97
C LEU A 175 -7.72 7.08 4.87
N GLY A 176 -7.71 6.39 3.73
CA GLY A 176 -6.82 5.23 3.60
C GLY A 176 -5.36 5.61 3.61
N LEU A 177 -5.03 6.78 3.05
CA LEU A 177 -3.67 7.30 3.14
C LEU A 177 -3.28 7.52 4.58
N ALA A 178 -4.16 8.19 5.36
CA ALA A 178 -3.84 8.46 6.76
C ALA A 178 -3.69 7.15 7.54
N LEU A 179 -4.58 6.19 7.29
CA LEU A 179 -4.45 4.88 7.92
C LEU A 179 -3.07 4.30 7.67
N ASN A 180 -2.64 4.31 6.41
CA ASN A 180 -1.37 3.66 6.07
C ASN A 180 -0.17 4.45 6.55
N PHE A 181 -0.23 5.78 6.50
CA PHE A 181 0.87 6.58 7.05
C PHE A 181 0.97 6.38 8.54
N SER A 182 -0.17 6.24 9.22
N SER A 182 -0.18 6.25 9.22
CA SER A 182 -0.14 5.96 10.65
CA SER A 182 -0.12 5.96 10.66
C SER A 182 0.51 4.61 10.93
C SER A 182 0.53 4.61 10.93
N VAL A 183 0.21 3.59 10.13
CA VAL A 183 0.90 2.31 10.26
C VAL A 183 2.40 2.45 9.99
N PHE A 184 2.78 3.20 8.97
CA PHE A 184 4.18 3.52 8.73
C PHE A 184 4.84 4.07 9.99
N HIS A 185 4.21 5.07 10.61
CA HIS A 185 4.80 5.64 11.82
C HIS A 185 4.96 4.58 12.90
N TYR A 186 3.94 3.76 13.09
CA TYR A 186 3.93 2.82 14.19
C TYR A 186 4.98 1.73 14.00
N GLU A 187 5.02 1.16 12.79
CA GLU A 187 5.71 -0.09 12.51
C GLU A 187 7.09 0.10 11.91
N ILE A 188 7.26 1.16 11.14
CA ILE A 188 8.46 1.37 10.35
C ILE A 188 9.34 2.44 10.99
N ALA A 189 8.74 3.56 11.35
CA ALA A 189 9.49 4.72 11.83
C ALA A 189 9.65 4.75 13.34
N ASN A 190 9.20 3.74 14.06
CA ASN A 190 9.37 3.70 15.52
C ASN A 190 8.80 4.95 16.18
N SER A 191 7.64 5.39 15.69
CA SER A 191 6.97 6.61 16.15
C SER A 191 5.53 6.30 16.53
N PRO A 192 5.31 5.48 17.57
CA PRO A 192 3.94 5.11 17.92
C PRO A 192 3.10 6.32 18.32
N GLU A 193 3.66 7.32 18.99
CA GLU A 193 2.85 8.48 19.37
C GLU A 193 2.35 9.24 18.15
N GLU A 194 3.20 9.40 17.13
CA GLU A 194 2.77 10.04 15.90
C GLU A 194 1.69 9.22 15.21
N ALA A 195 1.84 7.90 15.23
CA ALA A 195 0.85 7.01 14.64
C ALA A 195 -0.51 7.19 15.30
N ILE A 196 -0.52 7.23 16.63
CA ILE A 196 -1.75 7.36 17.39
C ILE A 196 -2.36 8.74 17.16
N SER A 197 -1.54 9.79 17.23
N SER A 197 -1.54 9.79 17.22
CA SER A 197 -2.05 11.14 17.01
CA SER A 197 -2.06 11.13 17.01
C SER A 197 -2.67 11.27 15.62
C SER A 197 -2.67 11.28 15.62
N LEU A 198 -1.99 10.74 14.61
CA LEU A 198 -2.52 10.82 13.26
C LEU A 198 -3.85 10.07 13.14
N ALA A 199 -3.91 8.87 13.67
CA ALA A 199 -5.15 8.10 13.55
C ALA A 199 -6.30 8.81 14.26
N LYS A 200 -6.03 9.37 15.44
CA LYS A 200 -7.07 10.05 16.21
C LYS A 200 -7.55 11.30 15.52
N THR A 201 -6.63 12.17 15.10
N THR A 201 -6.63 12.17 15.08
CA THR A 201 -7.03 13.39 14.42
CA THR A 201 -7.07 13.40 14.43
C THR A 201 -7.79 13.08 13.14
C THR A 201 -7.80 13.10 13.13
N THR A 202 -7.33 12.09 12.38
CA THR A 202 -8.02 11.72 11.15
C THR A 202 -9.44 11.26 11.46
N PHE A 203 -9.60 10.39 12.46
CA PHE A 203 -10.91 9.88 12.82
C PHE A 203 -11.83 11.03 13.24
N ASP A 204 -11.33 11.91 14.09
CA ASP A 204 -12.18 12.96 14.63
C ASP A 204 -12.58 13.97 13.57
N GLU A 205 -11.67 14.28 12.65
CA GLU A 205 -12.03 15.23 11.60
C GLU A 205 -13.00 14.61 10.60
N ALA A 206 -12.90 13.31 10.38
CA ALA A 206 -13.87 12.66 9.51
C ALA A 206 -15.23 12.63 10.18
N MET A 207 -15.28 12.29 11.46
N MET A 207 -15.27 12.28 11.46
CA MET A 207 -16.55 12.23 12.16
CA MET A 207 -16.51 12.27 12.21
C MET A 207 -17.32 13.54 12.03
C MET A 207 -17.30 13.55 12.01
N ALA A 208 -16.62 14.68 12.13
CA ALA A 208 -17.26 15.97 12.09
C ALA A 208 -17.79 16.33 10.71
N ASP A 209 -17.36 15.62 9.66
CA ASP A 209 -17.77 15.90 8.29
C ASP A 209 -18.79 14.89 7.77
N LEU A 210 -19.11 13.86 8.56
CA LEU A 210 -20.04 12.84 8.09
C LEU A 210 -21.41 13.43 7.76
N HIS A 211 -21.80 14.50 8.46
CA HIS A 211 -23.12 15.08 8.28
C HIS A 211 -23.35 15.57 6.87
N THR A 212 -22.29 15.78 6.10
CA THR A 212 -22.40 16.30 4.75
C THR A 212 -22.68 15.22 3.71
N LEU A 213 -22.64 13.95 4.08
CA LEU A 213 -22.55 12.86 3.13
C LEU A 213 -23.90 12.18 2.91
N SER A 214 -24.05 11.63 1.71
CA SER A 214 -25.14 10.71 1.41
C SER A 214 -24.96 9.40 2.18
N GLU A 215 -26.02 8.60 2.17
CA GLU A 215 -25.98 7.30 2.82
C GLU A 215 -24.83 6.44 2.28
N ASP A 216 -24.65 6.42 0.96
CA ASP A 216 -23.63 5.56 0.38
C ASP A 216 -22.22 6.06 0.71
N SER A 217 -22.01 7.37 0.64
CA SER A 217 -20.71 7.92 1.01
C SER A 217 -20.43 7.73 2.50
N TYR A 218 -21.45 7.88 3.33
CA TYR A 218 -21.31 7.63 4.75
C TYR A 218 -20.82 6.22 5.01
N LYS A 219 -21.39 5.25 4.31
N LYS A 219 -21.40 5.25 4.32
CA LYS A 219 -20.95 3.86 4.47
CA LYS A 219 -20.94 3.86 4.47
C LYS A 219 -19.48 3.71 4.09
C LYS A 219 -19.48 3.71 4.07
N ASP A 220 -19.09 4.31 2.96
CA ASP A 220 -17.71 4.21 2.51
C ASP A 220 -16.76 4.80 3.54
N SER A 221 -17.07 5.99 4.04
CA SER A 221 -16.14 6.66 4.95
C SER A 221 -16.10 5.97 6.30
N THR A 222 -17.27 5.58 6.83
CA THR A 222 -17.26 4.97 8.16
C THR A 222 -16.54 3.62 8.15
N LEU A 223 -16.54 2.91 7.01
CA LEU A 223 -15.80 1.66 6.95
C LEU A 223 -14.32 1.91 7.24
N ILE A 224 -13.74 2.94 6.63
CA ILE A 224 -12.32 3.18 6.83
C ILE A 224 -12.07 3.81 8.19
N MET A 225 -12.99 4.64 8.67
CA MET A 225 -12.88 5.13 10.03
C MET A 225 -12.78 3.99 11.03
N GLN A 226 -13.53 2.90 10.79
CA GLN A 226 -13.49 1.79 11.71
C GLN A 226 -12.11 1.13 11.72
N LEU A 227 -11.44 1.10 10.57
CA LEU A 227 -10.07 0.60 10.54
C LEU A 227 -9.14 1.46 11.40
N LEU A 228 -9.30 2.78 11.33
CA LEU A 228 -8.54 3.66 12.20
C LEU A 228 -8.82 3.35 13.65
N ARG A 229 -10.11 3.17 14.00
CA ARG A 229 -10.48 2.85 15.37
C ARG A 229 -9.90 1.51 15.79
N ASP A 230 -9.91 0.52 14.90
CA ASP A 230 -9.32 -0.77 15.24
C ASP A 230 -7.86 -0.62 15.64
N ASN A 231 -7.11 0.19 14.90
CA ASN A 231 -5.70 0.39 15.23
C ASN A 231 -5.56 1.14 16.55
N LEU A 232 -6.37 2.17 16.76
CA LEU A 232 -6.31 2.89 18.03
C LEU A 232 -6.60 1.97 19.19
N THR A 233 -7.55 1.05 19.04
CA THR A 233 -7.84 0.11 20.12
C THR A 233 -6.68 -0.86 20.34
N LEU A 234 -6.03 -1.28 19.27
CA LEU A 234 -4.88 -2.17 19.42
C LEU A 234 -3.70 -1.47 20.09
N TRP A 235 -3.52 -0.19 19.83
CA TRP A 235 -2.32 0.53 20.18
C TRP A 235 -2.42 1.27 21.51
N THR A 236 -3.61 1.33 22.11
CA THR A 236 -3.80 2.07 23.34
C THR A 236 -4.54 1.21 24.36
N ARG B 2 -4.28 -10.40 16.81
CA ARG B 2 -4.83 -9.19 16.21
C ARG B 2 -3.74 -8.39 15.50
N ARG B 3 -3.80 -8.35 14.17
CA ARG B 3 -2.84 -7.60 13.37
C ARG B 3 -3.44 -6.25 12.99
N ARG B 4 -2.62 -5.21 13.11
CA ARG B 4 -3.08 -3.86 12.81
C ARG B 4 -3.59 -3.80 11.37
N LYS B 5 -4.51 -2.87 11.14
CA LYS B 5 -5.10 -2.71 9.82
C LYS B 5 -4.34 -1.75 8.93
N CYS B 7 -4.77 -0.31 4.58
CA CYS B 7 -5.84 -0.07 3.63
C CYS B 7 -5.85 -1.14 2.55
N GLN B 8 -6.84 -2.04 2.65
CA GLN B 8 -6.95 -3.16 1.71
C GLN B 8 -8.12 -2.97 0.75
#